data_1D1Q
#
_entry.id   1D1Q
#
_cell.length_a   45.897
_cell.length_b   64.151
_cell.length_c   112.049
_cell.angle_alpha   90.00
_cell.angle_beta   90.00
_cell.angle_gamma   90.00
#
_symmetry.space_group_name_H-M   'P 21 21 21'
#
loop_
_entity.id
_entity.type
_entity.pdbx_description
1 polymer 'TYROSINE PHOSPHATASE (E.C.3.1.3.48)'
2 non-polymer '4-NITROPHENYL PHOSPHATE'
3 non-polymer 'PHOSPHATE ION'
4 non-polymer GLYCEROL
5 water water
#
_entity_poly.entity_id   1
_entity_poly.type   'polypeptide(L)'
_entity_poly.pdbx_seq_one_letter_code
;MTIEKPKISVAFIALGNFCRSPMAEAIFKHEVEKANLENRFNKIDSFGTSNYHVGESPDHRTVSICKQHGVKINHKGKQI
KTKHFDEYDYIIGMDESNINNLKKIQPEGSKAKVCLFGDWNTNDGTVQTIIEDPWYGDIQDFEYNFKQITYFSKQFLKKE
L
;
_entity_poly.pdbx_strand_id   A,B
#
loop_
_chem_comp.id
_chem_comp.type
_chem_comp.name
_chem_comp.formula
4NP non-polymer '4-NITROPHENYL PHOSPHATE' 'C6 H6 N O6 P'
GOL non-polymer GLYCEROL 'C3 H8 O3'
PO4 non-polymer 'PHOSPHATE ION' 'O4 P -3'
#
# COMPACT_ATOMS: atom_id res chain seq x y z
N ILE A 3 -12.62 14.26 -2.31
CA ILE A 3 -12.45 14.11 -0.84
C ILE A 3 -11.10 13.45 -0.53
N GLU A 4 -10.57 13.77 0.64
CA GLU A 4 -9.30 13.22 1.09
C GLU A 4 -9.52 11.96 1.91
N LYS A 5 -10.75 11.76 2.38
CA LYS A 5 -11.13 10.58 3.16
C LYS A 5 -12.25 9.84 2.46
N PRO A 6 -11.94 9.19 1.30
CA PRO A 6 -12.91 8.43 0.50
C PRO A 6 -13.47 7.23 1.25
N LYS A 7 -14.68 6.80 0.92
CA LYS A 7 -15.27 5.63 1.58
C LYS A 7 -14.56 4.43 0.97
N ILE A 8 -14.06 3.57 1.82
CA ILE A 8 -13.31 2.39 1.42
C ILE A 8 -14.19 1.16 1.19
N SER A 9 -13.78 0.32 0.23
CA SER A 9 -14.47 -0.93 -0.04
C SER A 9 -13.41 -2.03 0.20
N VAL A 10 -13.79 -3.02 1.01
CA VAL A 10 -12.92 -4.13 1.37
C VAL A 10 -13.59 -5.49 1.12
N ALA A 11 -12.85 -6.40 0.50
CA ALA A 11 -13.36 -7.74 0.25
C ALA A 11 -12.36 -8.74 0.85
N PHE A 12 -12.86 -9.62 1.73
CA PHE A 12 -12.03 -10.65 2.35
C PHE A 12 -12.16 -11.96 1.55
N ILE A 13 -11.03 -12.56 1.24
CA ILE A 13 -11.01 -13.74 0.39
C ILE A 13 -10.37 -14.98 1.02
N ALA A 14 -11.01 -16.12 0.83
CA ALA A 14 -10.36 -17.35 1.26
C ALA A 14 -10.63 -18.35 0.11
N LEU A 15 -10.57 -19.66 0.36
CA LEU A 15 -10.81 -20.60 -0.74
C LEU A 15 -12.32 -20.86 -0.92
N GLY A 16 -12.99 -21.31 0.14
CA GLY A 16 -14.41 -21.60 0.01
C GLY A 16 -15.41 -20.52 0.39
N ASN A 17 -14.99 -19.44 1.06
CA ASN A 17 -15.94 -18.40 1.55
C ASN A 17 -16.94 -19.18 2.42
N PHE A 18 -16.39 -19.98 3.34
CA PHE A 18 -17.17 -20.89 4.17
C PHE A 18 -16.67 -20.88 5.60
N CYS A 19 -15.34 -20.92 5.80
CA CYS A 19 -14.80 -20.89 7.15
C CYS A 19 -14.21 -19.52 7.48
N ARG A 20 -13.05 -19.22 6.92
CA ARG A 20 -12.39 -17.98 7.30
C ARG A 20 -12.92 -16.65 6.76
N SER A 21 -13.18 -16.55 5.46
CA SER A 21 -13.57 -15.24 4.96
C SER A 21 -14.92 -14.71 5.51
N PRO A 22 -15.94 -15.58 5.67
CA PRO A 22 -17.20 -15.06 6.23
C PRO A 22 -16.90 -14.56 7.68
N MET A 23 -16.02 -15.24 8.39
CA MET A 23 -15.65 -14.80 9.74
C MET A 23 -14.92 -13.44 9.68
N ALA A 24 -14.02 -13.30 8.71
CA ALA A 24 -13.27 -12.05 8.56
C ALA A 24 -14.25 -10.89 8.30
N GLU A 25 -15.20 -11.08 7.38
CA GLU A 25 -16.19 -10.05 7.08
C GLU A 25 -17.01 -9.70 8.32
N ALA A 26 -17.51 -10.74 9.02
CA ALA A 26 -18.35 -10.55 10.21
C ALA A 26 -17.61 -9.77 11.30
N ILE A 27 -16.39 -10.21 11.59
CA ILE A 27 -15.61 -9.54 12.62
C ILE A 27 -15.23 -8.12 12.21
N PHE A 28 -14.82 -7.93 10.96
CA PHE A 28 -14.43 -6.59 10.53
C PHE A 28 -15.63 -5.61 10.63
N LYS A 29 -16.80 -6.04 10.20
CA LYS A 29 -17.98 -5.18 10.29
C LYS A 29 -18.25 -4.85 11.75
N HIS A 30 -18.11 -5.86 12.61
CA HIS A 30 -18.31 -5.70 14.06
C HIS A 30 -17.33 -4.66 14.61
N GLU A 31 -16.05 -4.74 14.23
CA GLU A 31 -15.07 -3.76 14.71
C GLU A 31 -15.32 -2.35 14.18
N VAL A 32 -15.83 -2.25 12.94
CA VAL A 32 -16.13 -0.94 12.35
C VAL A 32 -17.27 -0.32 13.18
N GLU A 33 -18.27 -1.12 13.50
CA GLU A 33 -19.40 -0.61 14.26
C GLU A 33 -18.99 -0.20 15.66
N LYS A 34 -18.17 -1.01 16.33
CA LYS A 34 -17.74 -0.71 17.69
C LYS A 34 -16.96 0.59 17.72
N ALA A 35 -16.20 0.87 16.66
CA ALA A 35 -15.39 2.08 16.61
C ALA A 35 -16.13 3.27 15.97
N ASN A 36 -17.40 3.08 15.65
CA ASN A 36 -18.21 4.13 15.02
C ASN A 36 -17.57 4.63 13.71
N LEU A 37 -17.02 3.70 12.92
CA LEU A 37 -16.39 4.06 11.64
C LEU A 37 -17.18 3.70 10.38
N GLU A 38 -18.49 3.46 10.51
CA GLU A 38 -19.34 3.11 9.35
C GLU A 38 -19.21 4.09 8.18
N ASN A 39 -19.13 5.38 8.51
CA ASN A 39 -19.01 6.46 7.53
C ASN A 39 -17.76 6.33 6.64
N ARG A 40 -16.75 5.56 7.06
CA ARG A 40 -15.52 5.41 6.29
C ARG A 40 -15.56 4.24 5.30
N PHE A 41 -16.66 3.51 5.29
CA PHE A 41 -16.77 2.36 4.41
C PHE A 41 -17.99 2.32 3.50
N ASN A 42 -17.73 1.89 2.27
CA ASN A 42 -18.78 1.73 1.27
C ASN A 42 -19.20 0.26 1.42
N LYS A 43 -18.44 -0.66 0.82
CA LYS A 43 -18.77 -2.08 0.88
C LYS A 43 -17.73 -2.87 1.71
N ILE A 44 -18.22 -3.85 2.48
CA ILE A 44 -17.37 -4.78 3.22
C ILE A 44 -17.98 -6.13 2.89
N ASP A 45 -17.22 -6.99 2.23
CA ASP A 45 -17.75 -8.27 1.81
C ASP A 45 -16.77 -9.41 1.99
N SER A 46 -17.26 -10.63 1.77
CA SER A 46 -16.39 -11.78 1.76
C SER A 46 -16.75 -12.66 0.53
N PHE A 47 -15.72 -13.32 0.00
CA PHE A 47 -15.83 -14.16 -1.17
C PHE A 47 -14.85 -15.33 -1.06
N GLY A 48 -14.88 -16.20 -2.07
CA GLY A 48 -13.94 -17.30 -2.11
C GLY A 48 -13.37 -17.33 -3.52
N THR A 49 -12.20 -17.94 -3.69
CA THR A 49 -11.66 -18.04 -5.06
C THR A 49 -12.45 -19.13 -5.79
N SER A 50 -12.93 -20.12 -5.06
CA SER A 50 -13.68 -21.24 -5.64
C SER A 50 -15.19 -21.00 -5.57
N ASN A 51 -15.97 -21.85 -6.22
CA ASN A 51 -17.43 -21.70 -6.14
C ASN A 51 -17.99 -22.89 -5.37
N TYR A 52 -17.13 -23.62 -4.66
CA TYR A 52 -17.55 -24.81 -3.89
C TYR A 52 -18.65 -24.65 -2.84
N HIS A 53 -18.82 -23.44 -2.31
CA HIS A 53 -19.84 -23.21 -1.29
C HIS A 53 -20.75 -22.05 -1.65
N VAL A 54 -20.86 -21.78 -2.94
CA VAL A 54 -21.70 -20.70 -3.40
C VAL A 54 -23.13 -20.92 -2.98
N GLY A 55 -23.73 -19.90 -2.36
CA GLY A 55 -25.10 -20.01 -1.93
C GLY A 55 -25.32 -20.59 -0.54
N GLU A 56 -24.25 -21.09 0.08
CA GLU A 56 -24.36 -21.71 1.42
C GLU A 56 -24.02 -20.78 2.56
N SER A 57 -24.63 -21.04 3.72
CA SER A 57 -24.34 -20.27 4.91
C SER A 57 -22.95 -20.75 5.38
N PRO A 58 -22.26 -19.98 6.22
CA PRO A 58 -20.92 -20.38 6.68
C PRO A 58 -20.88 -21.69 7.49
N ASP A 59 -19.69 -22.25 7.59
CA ASP A 59 -19.43 -23.48 8.33
C ASP A 59 -20.01 -23.30 9.76
N HIS A 60 -20.70 -24.32 10.24
CA HIS A 60 -21.30 -24.24 11.59
C HIS A 60 -20.29 -23.83 12.69
N ARG A 61 -19.01 -24.19 12.52
CA ARG A 61 -18.00 -23.84 13.54
C ARG A 61 -17.70 -22.33 13.52
N THR A 62 -17.67 -21.72 12.33
CA THR A 62 -17.46 -20.28 12.22
C THR A 62 -18.65 -19.54 12.84
N VAL A 63 -19.87 -20.05 12.57
CA VAL A 63 -21.07 -19.45 13.13
C VAL A 63 -21.09 -19.59 14.65
N SER A 64 -20.73 -20.78 15.14
CA SER A 64 -20.71 -20.99 16.60
C SER A 64 -19.70 -20.06 17.28
N ILE A 65 -18.51 -19.89 16.69
CA ILE A 65 -17.50 -19.02 17.28
C ILE A 65 -18.00 -17.56 17.29
N CYS A 66 -18.58 -17.11 16.18
CA CYS A 66 -19.10 -15.75 16.12
C CYS A 66 -20.16 -15.53 17.20
N LYS A 67 -21.09 -16.48 17.31
CA LYS A 67 -22.16 -16.39 18.32
C LYS A 67 -21.56 -16.36 19.74
N GLN A 68 -20.53 -17.16 19.99
CA GLN A 68 -19.91 -17.20 21.31
C GLN A 68 -19.34 -15.81 21.69
N HIS A 69 -18.87 -15.05 20.70
CA HIS A 69 -18.28 -13.73 20.95
C HIS A 69 -19.31 -12.58 20.76
N GLY A 70 -20.58 -12.93 20.49
CA GLY A 70 -21.58 -11.90 20.29
C GLY A 70 -21.41 -11.15 18.97
N VAL A 71 -20.84 -11.81 17.96
CA VAL A 71 -20.63 -11.20 16.65
C VAL A 71 -21.66 -11.73 15.64
N LYS A 72 -22.49 -10.81 15.12
CA LYS A 72 -23.51 -11.14 14.11
C LYS A 72 -22.84 -11.62 12.81
N ILE A 73 -23.43 -12.64 12.21
CA ILE A 73 -22.92 -13.18 10.93
C ILE A 73 -24.10 -13.67 10.09
N ASN A 74 -24.18 -13.20 8.85
CA ASN A 74 -25.29 -13.62 7.95
C ASN A 74 -24.66 -13.52 6.60
N HIS A 75 -24.48 -14.66 5.93
CA HIS A 75 -23.78 -14.67 4.64
C HIS A 75 -24.07 -15.90 3.79
N LYS A 76 -24.03 -15.72 2.47
CA LYS A 76 -24.21 -16.83 1.54
C LYS A 76 -22.96 -16.82 0.68
N GLY A 77 -22.34 -17.98 0.53
CA GLY A 77 -21.12 -18.08 -0.26
C GLY A 77 -21.18 -17.42 -1.62
N LYS A 78 -20.10 -16.73 -1.97
CA LYS A 78 -20.01 -16.12 -3.30
C LYS A 78 -18.56 -16.12 -3.77
N GLN A 79 -18.38 -16.17 -5.09
CA GLN A 79 -17.07 -16.26 -5.71
C GLN A 79 -16.49 -14.93 -6.20
N ILE A 80 -15.22 -14.65 -5.87
CA ILE A 80 -14.57 -13.41 -6.33
C ILE A 80 -14.27 -13.55 -7.84
N LYS A 81 -14.46 -12.45 -8.58
CA LYS A 81 -14.23 -12.44 -10.03
C LYS A 81 -13.30 -11.33 -10.45
N THR A 82 -12.75 -11.47 -11.65
CA THR A 82 -11.85 -10.45 -12.15
C THR A 82 -12.45 -9.05 -12.13
N LYS A 83 -13.74 -8.94 -12.44
CA LYS A 83 -14.37 -7.63 -12.45
C LYS A 83 -14.37 -6.93 -11.08
N HIS A 84 -14.37 -7.73 -10.01
CA HIS A 84 -14.38 -7.16 -8.65
C HIS A 84 -13.13 -6.37 -8.31
N PHE A 85 -12.05 -6.62 -9.05
CA PHE A 85 -10.80 -5.92 -8.78
C PHE A 85 -10.93 -4.42 -9.05
N ASP A 86 -11.98 -4.01 -9.72
CA ASP A 86 -12.15 -2.57 -9.92
C ASP A 86 -13.25 -2.00 -9.04
N GLU A 87 -13.83 -2.85 -8.20
CA GLU A 87 -14.92 -2.45 -7.30
C GLU A 87 -14.52 -2.40 -5.81
N TYR A 88 -13.30 -2.85 -5.50
CA TYR A 88 -12.85 -2.83 -4.12
C TYR A 88 -11.49 -2.20 -4.01
N ASP A 89 -11.24 -1.52 -2.90
CA ASP A 89 -9.95 -0.88 -2.70
C ASP A 89 -8.93 -1.87 -2.16
N TYR A 90 -9.41 -2.83 -1.36
CA TYR A 90 -8.53 -3.86 -0.79
C TYR A 90 -9.18 -5.22 -1.02
N ILE A 91 -8.38 -6.18 -1.51
CA ILE A 91 -8.84 -7.56 -1.71
C ILE A 91 -7.80 -8.31 -0.89
N ILE A 92 -8.28 -8.70 0.29
CA ILE A 92 -7.51 -9.29 1.36
C ILE A 92 -7.65 -10.80 1.54
N GLY A 93 -6.57 -11.52 1.26
CA GLY A 93 -6.56 -12.98 1.40
C GLY A 93 -6.17 -13.46 2.80
N MET A 94 -6.45 -14.72 3.10
CA MET A 94 -6.15 -15.30 4.41
C MET A 94 -4.74 -15.92 4.45
N ASP A 95 -4.36 -16.63 3.39
CA ASP A 95 -3.04 -17.28 3.33
C ASP A 95 -2.39 -17.08 1.94
N GLU A 96 -1.16 -17.54 1.76
CA GLU A 96 -0.47 -17.31 0.49
C GLU A 96 -1.07 -17.98 -0.73
N SER A 97 -1.73 -19.12 -0.53
CA SER A 97 -2.34 -19.81 -1.65
C SER A 97 -3.46 -18.93 -2.20
N ASN A 98 -4.17 -18.21 -1.32
CA ASN A 98 -5.24 -17.30 -1.74
C ASN A 98 -4.60 -16.18 -2.59
N ILE A 99 -3.49 -15.62 -2.10
CA ILE A 99 -2.78 -14.55 -2.78
C ILE A 99 -2.35 -14.98 -4.19
N ASN A 100 -1.76 -16.18 -4.28
CA ASN A 100 -1.33 -16.70 -5.57
C ASN A 100 -2.50 -16.67 -6.58
N ASN A 101 -3.64 -17.23 -6.19
CA ASN A 101 -4.79 -17.25 -7.09
C ASN A 101 -5.33 -15.86 -7.46
N LEU A 102 -5.38 -14.97 -6.49
CA LEU A 102 -5.88 -13.62 -6.73
C LEU A 102 -4.99 -12.87 -7.74
N LYS A 103 -3.67 -13.00 -7.58
CA LYS A 103 -2.74 -12.32 -8.46
C LYS A 103 -2.84 -12.83 -9.90
N LYS A 104 -3.21 -14.10 -10.05
CA LYS A 104 -3.34 -14.69 -11.38
C LYS A 104 -4.62 -14.24 -12.10
N ILE A 105 -5.62 -13.77 -11.36
CA ILE A 105 -6.84 -13.32 -12.05
C ILE A 105 -6.95 -11.79 -12.03
N GLN A 106 -6.05 -11.15 -11.31
CA GLN A 106 -6.01 -9.68 -11.17
C GLN A 106 -5.76 -8.99 -12.51
N PRO A 107 -6.69 -8.15 -12.97
CA PRO A 107 -6.44 -7.50 -14.25
C PRO A 107 -5.42 -6.39 -14.06
N GLU A 108 -4.62 -6.16 -15.09
CA GLU A 108 -3.62 -5.11 -15.01
C GLU A 108 -4.31 -3.76 -14.92
N GLY A 109 -3.79 -2.90 -14.05
CA GLY A 109 -4.38 -1.57 -13.89
C GLY A 109 -5.62 -1.43 -13.03
N SER A 110 -6.12 -2.55 -12.49
CA SER A 110 -7.32 -2.46 -11.66
C SER A 110 -6.92 -1.78 -10.35
N LYS A 111 -7.88 -1.11 -9.72
CA LYS A 111 -7.63 -0.37 -8.49
C LYS A 111 -7.35 -1.15 -7.19
N ALA A 112 -7.91 -2.36 -7.05
CA ALA A 112 -7.73 -3.11 -5.82
C ALA A 112 -6.31 -3.47 -5.47
N LYS A 113 -6.01 -3.36 -4.18
CA LYS A 113 -4.70 -3.76 -3.68
C LYS A 113 -4.89 -5.18 -3.13
N VAL A 114 -4.21 -6.15 -3.72
CA VAL A 114 -4.29 -7.51 -3.22
C VAL A 114 -3.28 -7.63 -2.07
N CYS A 115 -3.74 -8.00 -0.89
CA CYS A 115 -2.83 -8.19 0.24
C CYS A 115 -3.29 -9.30 1.16
N LEU A 116 -2.38 -9.68 2.05
CA LEU A 116 -2.62 -10.71 3.04
C LEU A 116 -3.13 -9.94 4.25
N PHE A 117 -4.17 -10.43 4.90
CA PHE A 117 -4.68 -9.76 6.08
C PHE A 117 -3.55 -9.60 7.10
N GLY A 118 -2.67 -10.61 7.17
CA GLY A 118 -1.56 -10.57 8.10
C GLY A 118 -0.49 -9.51 7.80
N ASP A 119 -0.66 -8.79 6.69
CA ASP A 119 0.28 -7.72 6.38
C ASP A 119 0.13 -6.66 7.47
N TRP A 120 -1.01 -6.64 8.16
CA TRP A 120 -1.24 -5.68 9.22
C TRP A 120 -0.80 -6.18 10.59
N ASN A 121 -0.12 -7.33 10.61
CA ASN A 121 0.42 -7.87 11.86
C ASN A 121 1.50 -6.91 12.36
N THR A 122 1.71 -6.85 13.66
CA THR A 122 2.74 -6.00 14.25
C THR A 122 3.98 -6.86 14.39
N ASN A 123 3.78 -8.18 14.34
CA ASN A 123 4.87 -9.13 14.48
C ASN A 123 5.50 -9.07 15.87
N ASP A 124 4.69 -8.62 16.84
CA ASP A 124 5.10 -8.50 18.22
C ASP A 124 4.89 -9.82 19.00
N GLY A 125 4.54 -10.89 18.28
CA GLY A 125 4.34 -12.17 18.92
C GLY A 125 2.92 -12.49 19.40
N THR A 126 1.99 -11.54 19.30
CA THR A 126 0.63 -11.82 19.75
C THR A 126 -0.06 -12.86 18.90
N VAL A 127 0.05 -12.69 17.58
CA VAL A 127 -0.57 -13.62 16.65
C VAL A 127 0.32 -13.91 15.46
N GLN A 128 0.06 -15.05 14.83
CA GLN A 128 0.77 -15.49 13.63
C GLN A 128 0.17 -14.76 12.45
N THR A 129 1.03 -14.49 11.47
CA THR A 129 0.62 -13.77 10.30
C THR A 129 -0.38 -14.48 9.37
N ILE A 130 -0.17 -15.77 9.13
CA ILE A 130 -1.05 -16.53 8.22
C ILE A 130 -2.30 -17.02 8.95
N ILE A 131 -3.47 -16.74 8.37
CA ILE A 131 -4.72 -17.21 8.95
C ILE A 131 -4.91 -18.59 8.30
N GLU A 132 -4.44 -19.62 8.99
CA GLU A 132 -4.47 -20.97 8.45
C GLU A 132 -5.84 -21.57 8.35
N ASP A 133 -6.04 -22.31 7.25
CA ASP A 133 -7.28 -23.02 6.97
C ASP A 133 -7.56 -23.96 8.16
N PRO A 134 -8.67 -23.73 8.89
CA PRO A 134 -9.00 -24.59 10.04
C PRO A 134 -9.79 -25.85 9.66
N TRP A 135 -10.11 -26.03 8.39
CA TRP A 135 -10.92 -27.15 7.94
C TRP A 135 -10.69 -28.52 8.58
N TYR A 136 -9.43 -28.94 8.57
CA TYR A 136 -9.03 -30.23 9.10
C TYR A 136 -8.67 -30.17 10.57
N GLY A 137 -8.89 -29.02 11.20
CA GLY A 137 -8.56 -28.90 12.61
C GLY A 137 -9.84 -29.00 13.41
N ASP A 138 -9.96 -28.23 14.49
CA ASP A 138 -11.18 -28.25 15.27
C ASP A 138 -11.59 -26.85 15.74
N ILE A 139 -12.58 -26.79 16.63
CA ILE A 139 -13.07 -25.49 17.10
C ILE A 139 -11.96 -24.54 17.62
N GLN A 140 -10.86 -25.07 18.15
CA GLN A 140 -9.79 -24.22 18.67
C GLN A 140 -9.12 -23.45 17.52
N ASP A 141 -8.99 -24.10 16.36
CA ASP A 141 -8.39 -23.44 15.21
C ASP A 141 -9.31 -22.31 14.73
N PHE A 142 -10.62 -22.49 14.89
CA PHE A 142 -11.58 -21.45 14.47
C PHE A 142 -11.51 -20.27 15.44
N GLU A 143 -11.39 -20.58 16.73
CA GLU A 143 -11.28 -19.53 17.77
C GLU A 143 -9.98 -18.75 17.53
N TYR A 144 -8.92 -19.45 17.17
CA TYR A 144 -7.65 -18.75 16.93
C TYR A 144 -7.79 -17.86 15.68
N ASN A 145 -8.47 -18.33 14.64
CA ASN A 145 -8.69 -17.48 13.47
C ASN A 145 -9.43 -16.18 13.93
N PHE A 146 -10.40 -16.35 14.83
CA PHE A 146 -11.17 -15.22 15.34
C PHE A 146 -10.21 -14.22 16.01
N LYS A 147 -9.30 -14.70 16.85
CA LYS A 147 -8.32 -13.86 17.53
C LYS A 147 -7.42 -13.12 16.50
N GLN A 148 -6.94 -13.86 15.51
CA GLN A 148 -6.10 -13.28 14.44
C GLN A 148 -6.86 -12.19 13.68
N ILE A 149 -8.05 -12.52 13.21
CA ILE A 149 -8.85 -11.59 12.43
C ILE A 149 -9.21 -10.32 13.23
N THR A 150 -9.56 -10.49 14.50
CA THR A 150 -9.88 -9.33 15.32
C THR A 150 -8.64 -8.43 15.43
N TYR A 151 -7.47 -9.05 15.66
CA TYR A 151 -6.23 -8.33 15.79
C TYR A 151 -5.91 -7.54 14.53
N PHE A 152 -5.96 -8.20 13.36
CA PHE A 152 -5.65 -7.51 12.11
C PHE A 152 -6.69 -6.44 11.75
N SER A 153 -7.96 -6.69 12.12
CA SER A 153 -9.03 -5.74 11.86
C SER A 153 -8.72 -4.43 12.61
N LYS A 154 -8.40 -4.52 13.90
CA LYS A 154 -8.09 -3.29 14.64
C LYS A 154 -6.85 -2.61 14.04
N GLN A 155 -5.81 -3.38 13.69
CA GLN A 155 -4.61 -2.76 13.08
C GLN A 155 -4.94 -2.05 11.77
N PHE A 156 -5.76 -2.68 10.94
CA PHE A 156 -6.16 -2.11 9.66
C PHE A 156 -6.88 -0.79 9.88
N LEU A 157 -7.84 -0.77 10.80
CA LEU A 157 -8.58 0.45 11.07
C LEU A 157 -7.65 1.56 11.57
N LYS A 158 -6.67 1.20 12.39
CA LYS A 158 -5.73 2.20 12.90
C LYS A 158 -4.70 2.67 11.84
N LYS A 159 -4.32 1.80 10.91
CA LYS A 159 -3.29 2.12 9.92
C LYS A 159 -3.72 2.64 8.55
N GLU A 160 -4.90 2.26 8.10
CA GLU A 160 -5.35 2.64 6.77
C GLU A 160 -6.28 3.83 6.65
N LEU A 161 -6.93 4.22 7.73
CA LEU A 161 -7.89 5.31 7.67
C LEU A 161 -7.29 6.64 8.02
N GLU B 4 27.18 -0.70 4.98
CA GLU B 4 27.32 -1.01 3.52
C GLU B 4 27.09 -2.49 3.23
N LYS B 5 26.09 -3.09 3.87
CA LYS B 5 25.79 -4.51 3.65
C LYS B 5 24.34 -4.81 3.21
N PRO B 6 23.34 -4.53 4.07
CA PRO B 6 21.99 -4.83 3.60
C PRO B 6 21.51 -3.89 2.50
N LYS B 7 20.56 -4.37 1.71
CA LYS B 7 19.97 -3.58 0.64
C LYS B 7 19.16 -2.48 1.33
N ILE B 8 18.88 -1.40 0.61
CA ILE B 8 18.05 -0.34 1.17
C ILE B 8 16.88 -0.05 0.23
N SER B 9 15.83 0.51 0.79
CA SER B 9 14.64 0.84 0.02
C SER B 9 14.42 2.35 0.18
N VAL B 10 14.06 2.97 -0.94
CA VAL B 10 13.84 4.41 -1.00
C VAL B 10 12.48 4.75 -1.63
N ALA B 11 11.75 5.67 -0.98
CA ALA B 11 10.47 6.12 -1.51
C ALA B 11 10.57 7.64 -1.69
N PHE B 12 10.18 8.15 -2.86
CA PHE B 12 10.22 9.59 -3.12
C PHE B 12 8.79 10.07 -2.96
N ILE B 13 8.62 11.10 -2.15
CA ILE B 13 7.29 11.63 -1.83
C ILE B 13 7.09 13.10 -2.23
N ALA B 14 5.91 13.43 -2.75
CA ALA B 14 5.59 14.84 -3.00
C ALA B 14 4.10 14.95 -2.65
N LEU B 15 3.38 15.89 -3.26
CA LEU B 15 1.97 16.08 -2.93
C LEU B 15 1.03 15.21 -3.76
N GLY B 16 1.09 15.33 -5.09
CA GLY B 16 0.16 14.57 -5.89
C GLY B 16 0.65 13.23 -6.46
N ASN B 17 1.97 12.97 -6.40
CA ASN B 17 2.61 11.77 -6.98
C ASN B 17 2.25 11.84 -8.47
N PHE B 18 2.44 13.01 -9.06
CA PHE B 18 2.02 13.24 -10.45
C PHE B 18 3.09 13.93 -11.30
N CYS B 19 3.74 14.94 -10.73
CA CYS B 19 4.78 15.65 -11.47
C CYS B 19 6.18 15.27 -11.00
N ARG B 20 6.53 15.68 -9.78
CA ARG B 20 7.87 15.46 -9.24
C ARG B 20 8.22 14.07 -8.71
N SER B 21 7.39 13.52 -7.81
CA SER B 21 7.75 12.25 -7.22
C SER B 21 7.88 11.11 -8.27
N PRO B 22 6.97 11.02 -9.28
CA PRO B 22 7.17 9.95 -10.26
C PRO B 22 8.49 10.20 -11.03
N MET B 23 8.78 11.47 -11.32
CA MET B 23 10.04 11.80 -12.01
C MET B 23 11.24 11.39 -11.16
N ALA B 24 11.18 11.66 -9.85
CA ALA B 24 12.26 11.34 -8.92
C ALA B 24 12.53 9.84 -8.95
N GLU B 25 11.47 9.04 -8.81
CA GLU B 25 11.57 7.58 -8.83
C GLU B 25 12.21 7.10 -10.16
N ALA B 26 11.68 7.60 -11.28
CA ALA B 26 12.16 7.22 -12.63
C ALA B 26 13.66 7.57 -12.80
N ILE B 27 14.04 8.81 -12.49
CA ILE B 27 15.42 9.23 -12.62
C ILE B 27 16.34 8.46 -11.68
N PHE B 28 15.89 8.26 -10.44
CA PHE B 28 16.72 7.55 -9.47
C PHE B 28 16.98 6.11 -9.91
N LYS B 29 15.94 5.46 -10.40
CA LYS B 29 16.08 4.08 -10.86
C LYS B 29 17.05 4.10 -12.05
N HIS B 30 16.93 5.11 -12.90
CA HIS B 30 17.78 5.24 -14.08
C HIS B 30 19.24 5.38 -13.68
N GLU B 31 19.52 6.19 -12.66
CA GLU B 31 20.90 6.40 -12.22
C GLU B 31 21.48 5.16 -11.55
N VAL B 32 20.62 4.45 -10.80
CA VAL B 32 21.01 3.23 -10.11
C VAL B 32 21.45 2.22 -11.18
N GLU B 33 20.62 2.09 -12.22
CA GLU B 33 20.90 1.17 -13.33
C GLU B 33 22.19 1.51 -14.09
N LYS B 34 22.34 2.78 -14.45
CA LYS B 34 23.53 3.23 -15.17
C LYS B 34 24.80 2.91 -14.36
N ALA B 35 24.66 2.91 -13.04
CA ALA B 35 25.80 2.65 -12.15
C ALA B 35 25.93 1.18 -11.75
N ASN B 36 25.05 0.34 -12.29
CA ASN B 36 25.05 -1.09 -11.97
C ASN B 36 24.91 -1.31 -10.47
N LEU B 37 24.07 -0.48 -9.83
CA LEU B 37 23.88 -0.56 -8.37
C LEU B 37 22.60 -1.23 -7.93
N GLU B 38 22.00 -2.00 -8.83
CA GLU B 38 20.75 -2.71 -8.57
C GLU B 38 20.79 -3.56 -7.30
N ASN B 39 21.91 -4.26 -7.11
CA ASN B 39 22.05 -5.14 -5.96
C ASN B 39 22.10 -4.42 -4.61
N ARG B 40 22.19 -3.08 -4.62
CA ARG B 40 22.22 -2.33 -3.37
C ARG B 40 20.81 -1.88 -2.94
N PHE B 41 19.82 -2.11 -3.80
CA PHE B 41 18.45 -1.67 -3.51
C PHE B 41 17.38 -2.75 -3.56
N ASN B 42 16.40 -2.64 -2.67
CA ASN B 42 15.30 -3.59 -2.67
C ASN B 42 14.17 -2.87 -3.39
N LYS B 43 13.45 -2.00 -2.68
CA LYS B 43 12.36 -1.24 -3.29
C LYS B 43 12.72 0.21 -3.53
N ILE B 44 12.27 0.73 -4.66
CA ILE B 44 12.43 2.14 -5.02
C ILE B 44 11.05 2.50 -5.60
N ASP B 45 10.35 3.42 -4.94
CA ASP B 45 9.01 3.79 -5.35
C ASP B 45 8.75 5.27 -5.17
N SER B 46 7.53 5.68 -5.52
CA SER B 46 7.08 7.04 -5.31
C SER B 46 5.62 7.05 -4.89
N PHE B 47 5.29 8.04 -4.05
CA PHE B 47 3.94 8.18 -3.51
C PHE B 47 3.66 9.67 -3.33
N GLY B 48 2.41 9.99 -2.99
CA GLY B 48 2.06 11.36 -2.73
C GLY B 48 1.43 11.42 -1.34
N THR B 49 1.48 12.57 -0.68
CA THR B 49 0.83 12.69 0.62
C THR B 49 -0.69 12.76 0.41
N SER B 50 -1.11 13.19 -0.78
CA SER B 50 -2.55 13.29 -1.07
C SER B 50 -3.05 12.19 -2.02
N ASN B 51 -4.36 12.15 -2.23
CA ASN B 51 -4.94 11.18 -3.16
C ASN B 51 -5.43 11.96 -4.38
N TYR B 52 -4.96 13.20 -4.53
CA TYR B 52 -5.45 14.05 -5.60
C TYR B 52 -5.24 13.53 -7.02
N HIS B 53 -4.30 12.58 -7.22
CA HIS B 53 -4.05 12.01 -8.53
C HIS B 53 -3.92 10.49 -8.47
N VAL B 54 -4.59 9.88 -7.49
CA VAL B 54 -4.50 8.43 -7.30
C VAL B 54 -4.92 7.64 -8.53
N GLY B 55 -4.10 6.65 -8.89
CA GLY B 55 -4.35 5.83 -10.06
C GLY B 55 -3.96 6.42 -11.42
N GLU B 56 -3.51 7.68 -11.45
CA GLU B 56 -3.16 8.32 -12.72
C GLU B 56 -1.70 8.18 -13.11
N SER B 57 -1.45 8.06 -14.42
CA SER B 57 -0.08 8.01 -14.88
C SER B 57 0.44 9.45 -14.65
N PRO B 58 1.76 9.64 -14.67
CA PRO B 58 2.30 10.99 -14.44
C PRO B 58 1.96 12.08 -15.45
N ASP B 59 2.08 13.33 -14.99
CA ASP B 59 1.83 14.50 -15.82
C ASP B 59 2.54 14.28 -17.18
N HIS B 60 1.84 14.55 -18.28
CA HIS B 60 2.43 14.34 -19.60
C HIS B 60 3.76 15.08 -19.77
N ARG B 61 3.90 16.21 -19.08
CA ARG B 61 5.13 17.00 -19.17
C ARG B 61 6.30 16.28 -18.47
N THR B 62 6.00 15.56 -17.40
CA THR B 62 7.01 14.78 -16.69
C THR B 62 7.40 13.61 -17.62
N VAL B 63 6.41 12.97 -18.21
CA VAL B 63 6.69 11.88 -19.13
C VAL B 63 7.54 12.39 -20.32
N SER B 64 7.14 13.52 -20.90
CA SER B 64 7.85 14.10 -22.04
C SER B 64 9.33 14.41 -21.72
N ILE B 65 9.58 15.00 -20.55
CA ILE B 65 10.93 15.36 -20.17
C ILE B 65 11.75 14.09 -19.94
N CYS B 66 11.16 13.09 -19.31
CA CYS B 66 11.88 11.83 -19.11
C CYS B 66 12.27 11.22 -20.46
N LYS B 67 11.28 11.12 -21.34
CA LYS B 67 11.47 10.58 -22.68
C LYS B 67 12.65 11.26 -23.37
N GLN B 68 12.66 12.58 -23.30
CA GLN B 68 13.70 13.39 -23.91
C GLN B 68 15.09 13.03 -23.42
N HIS B 69 15.20 12.68 -22.15
CA HIS B 69 16.51 12.32 -21.59
C HIS B 69 16.75 10.82 -21.57
N GLY B 70 15.91 10.07 -22.28
CA GLY B 70 16.06 8.64 -22.33
C GLY B 70 15.83 7.94 -21.01
N VAL B 71 14.95 8.50 -20.17
CA VAL B 71 14.66 7.92 -18.86
C VAL B 71 13.30 7.23 -18.89
N LYS B 72 13.31 5.93 -18.67
CA LYS B 72 12.08 5.17 -18.66
C LYS B 72 11.20 5.56 -17.46
N ILE B 73 9.88 5.66 -17.68
CA ILE B 73 8.97 5.97 -16.58
C ILE B 73 7.62 5.29 -16.79
N ASN B 74 7.16 4.61 -15.74
CA ASN B 74 5.87 3.94 -15.75
C ASN B 74 5.39 3.96 -14.29
N HIS B 75 4.22 4.55 -14.04
CA HIS B 75 3.73 4.69 -12.66
C HIS B 75 2.25 5.04 -12.61
N LYS B 76 1.60 4.68 -11.51
CA LYS B 76 0.20 5.02 -11.29
C LYS B 76 0.19 5.68 -9.91
N GLY B 77 -0.40 6.87 -9.86
CA GLY B 77 -0.43 7.62 -8.61
C GLY B 77 -0.93 6.82 -7.42
N LYS B 78 -0.21 6.93 -6.30
CA LYS B 78 -0.60 6.25 -5.07
C LYS B 78 -0.19 7.04 -3.84
N GLN B 79 -0.98 6.87 -2.78
CA GLN B 79 -0.76 7.61 -1.54
C GLN B 79 0.08 6.89 -0.51
N ILE B 80 0.93 7.65 0.17
CA ILE B 80 1.78 7.06 1.20
C ILE B 80 0.87 6.69 2.40
N LYS B 81 1.20 5.62 3.10
CA LYS B 81 0.43 5.18 4.26
C LYS B 81 1.39 5.02 5.43
N THR B 82 0.86 4.98 6.66
CA THR B 82 1.75 4.85 7.82
C THR B 82 2.62 3.61 7.75
N LYS B 83 2.08 2.51 7.22
CA LYS B 83 2.87 1.30 7.15
C LYS B 83 4.11 1.40 6.26
N HIS B 84 4.14 2.33 5.33
CA HIS B 84 5.30 2.49 4.47
C HIS B 84 6.53 2.93 5.28
N PHE B 85 6.30 3.56 6.44
CA PHE B 85 7.38 4.02 7.32
C PHE B 85 8.15 2.86 7.97
N ASP B 86 7.57 1.66 7.92
CA ASP B 86 8.24 0.46 8.45
C ASP B 86 9.01 -0.25 7.31
N GLU B 87 8.62 0.02 6.07
CA GLU B 87 9.24 -0.62 4.89
C GLU B 87 10.45 0.09 4.24
N TYR B 88 10.38 1.41 4.13
CA TYR B 88 11.47 2.15 3.48
C TYR B 88 12.53 2.68 4.45
N ASP B 89 13.80 2.63 4.06
CA ASP B 89 14.89 3.16 4.89
C ASP B 89 14.94 4.69 4.72
N TYR B 90 14.59 5.16 3.53
CA TYR B 90 14.56 6.60 3.26
C TYR B 90 13.21 6.99 2.64
N ILE B 91 12.57 8.03 3.18
CA ILE B 91 11.31 8.56 2.64
C ILE B 91 11.69 10.02 2.42
N ILE B 92 11.84 10.33 1.13
CA ILE B 92 12.39 11.59 0.67
C ILE B 92 11.41 12.55 0.02
N GLY B 93 11.26 13.74 0.63
CA GLY B 93 10.36 14.76 0.11
C GLY B 93 11.00 15.72 -0.89
N MET B 94 10.15 16.40 -1.66
CA MET B 94 10.62 17.34 -2.68
C MET B 94 10.73 18.77 -2.12
N ASP B 95 9.74 19.17 -1.31
CA ASP B 95 9.72 20.51 -0.71
C ASP B 95 9.35 20.44 0.79
N GLU B 96 9.39 21.58 1.49
CA GLU B 96 9.14 21.59 2.93
C GLU B 96 7.72 21.19 3.32
N SER B 97 6.72 21.55 2.52
CA SER B 97 5.36 21.15 2.88
C SER B 97 5.26 19.61 2.86
N ASN B 98 5.99 18.96 1.96
CA ASN B 98 5.97 17.49 1.94
C ASN B 98 6.54 16.97 3.28
N ILE B 99 7.67 17.54 3.72
CA ILE B 99 8.30 17.14 4.97
C ILE B 99 7.33 17.34 6.14
N ASN B 100 6.60 18.45 6.15
CA ASN B 100 5.65 18.71 7.23
C ASN B 100 4.64 17.56 7.34
N ASN B 101 4.09 17.18 6.20
CA ASN B 101 3.08 16.12 6.19
C ASN B 101 3.71 14.78 6.59
N LEU B 102 4.92 14.51 6.12
CA LEU B 102 5.55 13.24 6.44
C LEU B 102 5.83 13.13 7.94
N LYS B 103 6.28 14.22 8.57
CA LYS B 103 6.58 14.18 10.00
C LYS B 103 5.29 14.05 10.82
N LYS B 104 4.20 14.58 10.27
CA LYS B 104 2.91 14.49 10.96
C LYS B 104 2.34 13.09 10.90
N ILE B 105 2.70 12.31 9.90
CA ILE B 105 2.16 10.96 9.89
C ILE B 105 3.12 9.85 10.32
N GLN B 106 4.44 10.10 10.32
CA GLN B 106 5.40 9.05 10.71
C GLN B 106 5.17 8.52 12.12
N PRO B 107 4.94 7.20 12.27
CA PRO B 107 4.73 6.64 13.62
C PRO B 107 6.06 6.75 14.40
N GLU B 108 5.99 7.08 15.68
CA GLU B 108 7.24 7.17 16.43
C GLU B 108 7.95 5.83 16.43
N GLY B 109 9.26 5.87 16.34
CA GLY B 109 10.01 4.64 16.37
C GLY B 109 10.06 3.85 15.07
N SER B 110 9.34 4.28 14.04
CA SER B 110 9.36 3.56 12.75
C SER B 110 10.72 3.76 12.09
N LYS B 111 11.14 2.79 11.31
CA LYS B 111 12.48 2.82 10.73
C LYS B 111 12.85 3.91 9.71
N ALA B 112 11.90 4.31 8.88
CA ALA B 112 12.18 5.28 7.84
C ALA B 112 12.85 6.59 8.26
N LYS B 113 13.81 7.02 7.48
CA LYS B 113 14.45 8.31 7.73
C LYS B 113 13.81 9.33 6.77
N VAL B 114 13.07 10.28 7.33
CA VAL B 114 12.43 11.32 6.51
C VAL B 114 13.47 12.39 6.20
N CYS B 115 13.65 12.66 4.91
CA CYS B 115 14.63 13.61 4.41
C CYS B 115 14.05 14.42 3.27
N LEU B 116 14.68 15.56 3.00
CA LEU B 116 14.32 16.43 1.87
C LEU B 116 15.36 15.98 0.83
N PHE B 117 14.98 15.83 -0.44
CA PHE B 117 15.96 15.37 -1.46
C PHE B 117 17.12 16.36 -1.54
N GLY B 118 16.81 17.66 -1.48
CA GLY B 118 17.83 18.71 -1.50
C GLY B 118 18.82 18.62 -0.33
N ASP B 119 18.57 17.71 0.63
CA ASP B 119 19.51 17.55 1.75
C ASP B 119 20.85 17.09 1.17
N TRP B 120 20.82 16.50 -0.03
CA TRP B 120 22.06 16.05 -0.67
C TRP B 120 22.68 17.09 -1.61
N ASN B 121 22.18 18.32 -1.55
CA ASN B 121 22.71 19.41 -2.37
C ASN B 121 24.13 19.74 -1.85
N THR B 122 25.01 20.14 -2.76
CA THR B 122 26.39 20.53 -2.42
C THR B 122 26.38 22.02 -2.08
N ASN B 123 25.36 22.71 -2.59
CA ASN B 123 25.18 24.15 -2.39
C ASN B 123 26.30 24.93 -3.09
N ASP B 124 26.82 24.36 -4.17
CA ASP B 124 27.86 25.02 -4.91
C ASP B 124 27.25 25.87 -6.00
N GLY B 125 25.94 26.12 -5.89
CA GLY B 125 25.25 26.93 -6.87
C GLY B 125 24.75 26.26 -8.14
N THR B 126 25.05 24.98 -8.34
CA THR B 126 24.59 24.31 -9.56
C THR B 126 23.05 24.25 -9.60
N VAL B 127 22.41 23.82 -8.52
CA VAL B 127 20.95 23.79 -8.45
C VAL B 127 20.46 24.23 -7.06
N GLN B 128 19.20 24.68 -6.99
CA GLN B 128 18.56 25.09 -5.73
C GLN B 128 18.13 23.83 -4.96
N THR B 129 18.00 23.97 -3.65
CA THR B 129 17.67 22.87 -2.77
C THR B 129 16.25 22.36 -2.90
N ILE B 130 15.28 23.28 -2.96
CA ILE B 130 13.86 22.90 -3.05
C ILE B 130 13.42 22.57 -4.47
N ILE B 131 12.76 21.42 -4.61
CA ILE B 131 12.25 20.99 -5.91
C ILE B 131 10.77 21.45 -5.90
N GLU B 132 10.51 22.60 -6.53
CA GLU B 132 9.19 23.22 -6.57
C GLU B 132 8.20 22.55 -7.51
N ASP B 133 6.96 22.43 -7.05
CA ASP B 133 5.88 21.85 -7.85
C ASP B 133 5.77 22.62 -9.21
N PRO B 134 5.99 21.93 -10.32
CA PRO B 134 5.92 22.54 -11.64
C PRO B 134 4.55 22.56 -12.30
N TRP B 135 3.56 21.95 -11.64
CA TRP B 135 2.24 21.80 -12.26
C TRP B 135 1.59 23.03 -12.87
N TYR B 136 1.63 24.15 -12.16
CA TYR B 136 1.06 25.40 -12.65
C TYR B 136 1.96 26.09 -13.67
N GLY B 137 3.21 25.63 -13.77
CA GLY B 137 4.18 26.24 -14.65
C GLY B 137 4.22 25.69 -16.08
N ASP B 138 5.41 25.66 -16.66
CA ASP B 138 5.52 25.14 -18.01
C ASP B 138 6.64 24.11 -18.09
N ILE B 139 6.90 23.61 -19.30
CA ILE B 139 7.92 22.59 -19.52
C ILE B 139 9.29 22.90 -18.92
N GLN B 140 9.66 24.17 -18.87
CA GLN B 140 10.96 24.56 -18.33
C GLN B 140 11.07 24.30 -16.83
N ASP B 141 9.92 24.35 -16.15
CA ASP B 141 9.95 24.08 -14.73
C ASP B 141 10.16 22.57 -14.55
N PHE B 142 9.64 21.77 -15.46
CA PHE B 142 9.80 20.31 -15.37
C PHE B 142 11.26 19.95 -15.73
N GLU B 143 11.82 20.65 -16.70
CA GLU B 143 13.20 20.37 -17.08
C GLU B 143 14.10 20.70 -15.90
N TYR B 144 13.82 21.82 -15.20
CA TYR B 144 14.66 22.17 -14.05
C TYR B 144 14.53 21.11 -12.94
N ASN B 145 13.32 20.56 -12.74
CA ASN B 145 13.15 19.52 -11.73
C ASN B 145 14.05 18.33 -12.16
N PHE B 146 14.03 18.02 -13.45
CA PHE B 146 14.86 16.93 -13.98
C PHE B 146 16.32 17.13 -13.60
N LYS B 147 16.82 18.34 -13.83
CA LYS B 147 18.20 18.69 -13.52
C LYS B 147 18.49 18.52 -12.01
N GLN B 148 17.60 19.04 -11.17
CA GLN B 148 17.73 18.94 -9.71
C GLN B 148 17.73 17.48 -9.24
N ILE B 149 16.73 16.73 -9.70
CA ILE B 149 16.58 15.34 -9.31
C ILE B 149 17.79 14.50 -9.74
N THR B 150 18.26 14.71 -10.95
CA THR B 150 19.44 13.97 -11.44
C THR B 150 20.66 14.31 -10.56
N TYR B 151 20.84 15.59 -10.23
CA TYR B 151 21.96 16.06 -9.39
C TYR B 151 21.92 15.43 -8.00
N PHE B 152 20.79 15.51 -7.30
CA PHE B 152 20.67 14.92 -5.96
C PHE B 152 20.74 13.38 -6.02
N SER B 153 20.25 12.79 -7.11
CA SER B 153 20.29 11.32 -7.26
C SER B 153 21.77 10.87 -7.26
N LYS B 154 22.60 11.54 -8.05
CA LYS B 154 24.03 11.20 -8.11
C LYS B 154 24.72 11.45 -6.74
N GLN B 155 24.36 12.54 -6.07
CA GLN B 155 24.93 12.85 -4.75
C GLN B 155 24.53 11.78 -3.73
N PHE B 156 23.26 11.39 -3.75
CA PHE B 156 22.77 10.36 -2.82
C PHE B 156 23.56 9.06 -2.98
N LEU B 157 23.70 8.61 -4.22
CA LEU B 157 24.41 7.34 -4.47
C LEU B 157 25.86 7.41 -4.01
N LYS B 158 26.51 8.55 -4.21
CA LYS B 158 27.89 8.65 -3.79
C LYS B 158 28.02 8.78 -2.27
N LYS B 159 27.04 9.39 -1.62
CA LYS B 159 27.10 9.60 -0.17
C LYS B 159 26.53 8.52 0.75
N GLU B 160 25.46 7.87 0.31
CA GLU B 160 24.76 6.87 1.12
C GLU B 160 25.18 5.41 0.98
N LEU B 161 25.84 5.09 -0.13
CA LEU B 161 26.24 3.72 -0.41
C LEU B 161 27.66 3.39 0.01
P 4NP C . -12.49 -20.84 3.69
O1 4NP C . -13.46 -22.20 3.79
O2 4NP C . -13.50 -19.74 3.47
O3 4NP C . -11.51 -21.09 2.55
O4 4NP C . -11.79 -20.78 5.01
C1 4NP C . -13.09 -23.49 3.54
C2 4NP C . -11.81 -23.94 3.92
C3 4NP C . -11.42 -25.27 3.65
C4 4NP C . -12.32 -26.13 3.00
C5 4NP C . -13.59 -25.72 2.62
C6 4NP C . -13.99 -24.39 2.88
N 4NP C . -11.88 -27.53 2.71
O5 4NP C . -12.75 -28.34 2.45
O6 4NP C . -10.69 -27.78 2.72
P PO4 D . 3.79 16.05 -7.27
O1 PO4 D . 2.67 16.00 -8.23
O2 PO4 D . 4.90 16.81 -7.81
O3 PO4 D . 3.34 16.68 -6.01
O4 PO4 D . 4.20 14.66 -7.04
C1 GOL E . -3.09 25.05 -14.48
O1 GOL E . -4.33 25.74 -14.26
C2 GOL E . -3.36 23.68 -15.17
O2 GOL E . -2.25 22.77 -15.07
C3 GOL E . -3.69 23.88 -16.67
O3 GOL E . -2.63 24.55 -17.36
#